data_2PI7
#
_entry.id   2PI7
#
_cell.length_a   68.316
_cell.length_b   68.316
_cell.length_c   245.018
_cell.angle_alpha   90.00
_cell.angle_beta   90.00
_cell.angle_gamma   120.00
#
_symmetry.space_group_name_H-M   'P 31 2 1'
#
loop_
_entity.id
_entity.type
_entity.pdbx_description
1 polymer 'Protein tyrosine phosphatase CRYP-2'
2 non-polymer 'NITRATE ION'
3 water water
#
_entity_poly.entity_id   1
_entity_poly.type   'polypeptide(L)'
_entity_poly.pdbx_seq_one_letter_code
;SKNGLKKRKLTNPVQLDDFDGYIKDMAKDSDYKFSLQFEELKLIGLDIPHFAADLPMNRCKNRYTNILPYDFSRVRLVSM
NEEEGSDYINANYIPGYNSPQEYIATQGPLPETRNDFWKMVLQQKSQIIVMLTQCNEKRRVKCDHYWPFTEDPIAYGDIT
VEMLSEEEHTDWVYRNFRISYADEVQDVMHFNYTAWPDHGVPTANAAESILQFVQMVRQKSVKSKGPMIIHCSAGVGRTG
TFIALDWLLQHIRDHEFVDILGLVSDMRSYRMSMVQTEEQYIFIHQCVQLMWQKKKQQFCISDVIYENVSKS
;
_entity_poly.pdbx_strand_id   A,B
#
loop_
_chem_comp.id
_chem_comp.type
_chem_comp.name
_chem_comp.formula
NO3 non-polymer 'NITRATE ION' 'N O3 -1'
#
# COMPACT_ATOMS: atom_id res chain seq x y z
N LEU A 5 -16.70 10.61 8.61
CA LEU A 5 -15.61 10.46 7.61
C LEU A 5 -16.08 9.74 6.35
N LYS A 6 -15.33 9.86 5.26
CA LYS A 6 -15.68 9.23 4.00
C LYS A 6 -15.88 7.73 4.19
N LYS A 7 -16.85 7.16 3.47
CA LYS A 7 -17.14 5.74 3.58
C LYS A 7 -17.87 5.21 2.35
N ARG A 8 -18.11 6.06 1.38
CA ARG A 8 -18.78 5.66 0.16
C ARG A 8 -17.78 5.55 -0.98
N LYS A 9 -17.86 4.47 -1.75
CA LYS A 9 -16.97 4.28 -2.89
C LYS A 9 -17.48 5.16 -4.02
N LEU A 10 -16.77 6.25 -4.32
CA LEU A 10 -17.20 7.13 -5.38
C LEU A 10 -17.09 6.44 -6.72
N THR A 11 -18.14 6.56 -7.51
CA THR A 11 -18.20 5.96 -8.82
C THR A 11 -19.49 6.32 -9.50
N ASN A 12 -19.45 6.56 -10.80
CA ASN A 12 -20.66 6.87 -11.54
C ASN A 12 -20.46 6.63 -13.03
N PRO A 13 -20.44 5.35 -13.43
CA PRO A 13 -20.27 4.93 -14.82
C PRO A 13 -21.39 5.47 -15.70
N VAL A 14 -21.05 6.34 -16.64
CA VAL A 14 -22.03 6.92 -17.54
C VAL A 14 -21.86 6.34 -18.94
N GLN A 15 -22.98 5.90 -19.51
CA GLN A 15 -23.02 5.34 -20.86
C GLN A 15 -22.60 6.42 -21.85
N LEU A 16 -21.64 6.09 -22.72
CA LEU A 16 -21.14 7.05 -23.70
C LEU A 16 -22.18 7.77 -24.56
N ASP A 17 -23.29 7.13 -24.87
CA ASP A 17 -24.32 7.78 -25.67
C ASP A 17 -25.07 8.86 -24.87
N ASP A 18 -25.00 8.79 -23.54
CA ASP A 18 -25.66 9.77 -22.68
C ASP A 18 -24.67 10.77 -22.13
N PHE A 19 -23.45 10.77 -22.68
CA PHE A 19 -22.44 11.68 -22.17
C PHE A 19 -22.80 13.15 -22.37
N ASP A 20 -23.25 13.51 -23.58
CA ASP A 20 -23.61 14.90 -23.83
C ASP A 20 -24.64 15.36 -22.81
N GLY A 21 -25.65 14.52 -22.57
CA GLY A 21 -26.68 14.87 -21.60
C GLY A 21 -26.16 14.82 -20.19
N TYR A 22 -25.21 13.93 -19.93
CA TYR A 22 -24.65 13.79 -18.59
C TYR A 22 -23.76 14.98 -18.22
N ILE A 23 -22.89 15.40 -19.13
CA ILE A 23 -21.99 16.52 -18.85
C ILE A 23 -22.80 17.81 -18.82
N LYS A 24 -23.91 17.82 -19.54
CA LYS A 24 -24.77 18.98 -19.57
C LYS A 24 -25.33 19.15 -18.17
N ASP A 25 -25.88 18.06 -17.64
CA ASP A 25 -26.46 18.07 -16.29
C ASP A 25 -25.42 18.42 -15.23
N MET A 26 -24.19 17.94 -15.41
CA MET A 26 -23.10 18.22 -14.45
C MET A 26 -22.68 19.69 -14.50
N ALA A 27 -22.98 20.34 -15.62
CA ALA A 27 -22.59 21.74 -15.78
C ALA A 27 -23.67 22.70 -15.33
N LYS A 28 -24.88 22.20 -15.12
CA LYS A 28 -25.99 23.01 -14.68
C LYS A 28 -25.73 23.71 -13.35
N ASP A 29 -26.37 24.86 -13.17
CA ASP A 29 -26.23 25.67 -11.96
C ASP A 29 -24.78 26.02 -11.68
N SER A 30 -24.11 26.58 -12.69
CA SER A 30 -22.72 26.95 -12.53
C SER A 30 -21.89 25.78 -11.96
N ASP A 31 -21.88 24.68 -12.72
CA ASP A 31 -21.15 23.47 -12.36
C ASP A 31 -21.45 22.99 -10.96
N TYR A 32 -22.73 22.90 -10.62
CA TYR A 32 -23.13 22.45 -9.30
C TYR A 32 -22.65 21.04 -9.00
N LYS A 33 -23.09 20.08 -9.81
CA LYS A 33 -22.71 18.70 -9.59
C LYS A 33 -21.23 18.42 -9.77
N PHE A 34 -20.58 19.10 -10.71
CA PHE A 34 -19.15 18.86 -10.91
C PHE A 34 -18.41 19.14 -9.60
N SER A 35 -18.94 20.07 -8.82
CA SER A 35 -18.38 20.46 -7.53
C SER A 35 -18.67 19.43 -6.46
N LEU A 36 -19.93 18.98 -6.40
CA LEU A 36 -20.30 17.97 -5.43
C LEU A 36 -19.37 16.78 -5.51
N GLN A 37 -19.12 16.31 -6.73
CA GLN A 37 -18.23 15.18 -6.93
C GLN A 37 -16.81 15.57 -6.59
N PHE A 38 -16.37 16.74 -7.05
CA PHE A 38 -15.01 17.11 -6.78
C PHE A 38 -14.69 17.35 -5.32
N GLU A 39 -15.60 17.99 -4.59
CA GLU A 39 -15.37 18.23 -3.16
C GLU A 39 -15.20 16.90 -2.41
N GLU A 40 -15.95 15.88 -2.82
CA GLU A 40 -15.84 14.57 -2.17
C GLU A 40 -14.59 13.83 -2.63
N LEU A 41 -14.18 14.10 -3.86
CA LEU A 41 -12.98 13.49 -4.39
C LEU A 41 -11.81 13.95 -3.53
N LYS A 42 -11.92 15.19 -3.05
CA LYS A 42 -10.89 15.80 -2.23
C LYS A 42 -10.79 15.19 -0.84
N LEU A 43 -11.76 14.38 -0.46
CA LEU A 43 -11.71 13.76 0.86
C LEU A 43 -10.90 12.47 0.84
N ILE A 44 -10.91 11.82 -0.31
CA ILE A 44 -10.21 10.55 -0.49
C ILE A 44 -8.78 10.50 0.07
N GLY A 45 -8.44 9.33 0.60
CA GLY A 45 -7.11 9.08 1.14
C GLY A 45 -6.55 10.05 2.15
N LEU A 46 -7.34 11.00 2.61
CA LEU A 46 -6.83 11.96 3.59
C LEU A 46 -6.28 11.27 4.83
N ASP A 47 -6.81 10.10 5.15
CA ASP A 47 -6.35 9.41 6.35
C ASP A 47 -5.51 8.16 6.06
N ILE A 48 -4.58 8.31 5.12
CA ILE A 48 -3.67 7.23 4.72
C ILE A 48 -2.25 7.59 5.16
N PRO A 49 -1.57 6.65 5.84
CA PRO A 49 -0.20 6.91 6.30
C PRO A 49 0.79 7.26 5.20
N HIS A 50 1.77 8.08 5.58
CA HIS A 50 2.83 8.51 4.69
C HIS A 50 4.02 8.91 5.54
N PHE A 51 4.34 8.08 6.54
CA PHE A 51 5.43 8.32 7.48
C PHE A 51 6.80 8.40 6.81
N ALA A 52 7.06 7.49 5.88
CA ALA A 52 8.34 7.51 5.18
C ALA A 52 8.60 8.95 4.74
N ALA A 53 7.60 9.57 4.13
CA ALA A 53 7.73 10.93 3.65
C ALA A 53 7.98 11.98 4.74
N ASP A 54 7.71 11.64 6.00
CA ASP A 54 7.93 12.59 7.09
C ASP A 54 9.25 12.42 7.84
N LEU A 55 10.01 11.39 7.50
CA LEU A 55 11.29 11.18 8.16
C LEU A 55 12.17 12.41 7.91
N PRO A 56 12.82 12.92 8.97
CA PRO A 56 13.70 14.09 8.95
C PRO A 56 14.56 14.26 7.71
N MET A 57 15.17 13.17 7.26
CA MET A 57 16.03 13.25 6.09
C MET A 57 15.34 13.13 4.73
N ASN A 58 14.06 12.76 4.72
CA ASN A 58 13.36 12.67 3.44
C ASN A 58 12.73 14.02 3.09
N ARG A 59 12.67 14.90 4.08
CA ARG A 59 12.08 16.22 3.89
C ARG A 59 12.73 17.01 2.76
N CYS A 60 14.05 16.91 2.63
CA CYS A 60 14.73 17.65 1.58
C CYS A 60 14.51 17.00 0.20
N LYS A 61 13.92 15.81 0.18
CA LYS A 61 13.64 15.08 -1.05
C LYS A 61 12.21 15.33 -1.52
N ASN A 62 11.48 16.13 -0.76
CA ASN A 62 10.10 16.46 -1.12
C ASN A 62 10.09 17.85 -1.77
N ARG A 63 9.62 17.91 -3.01
CA ARG A 63 9.58 19.18 -3.71
C ARG A 63 8.72 20.16 -2.96
N TYR A 64 7.60 19.65 -2.47
CA TYR A 64 6.62 20.44 -1.73
C TYR A 64 6.30 19.73 -0.42
N THR A 65 6.20 20.48 0.67
CA THR A 65 5.90 19.85 1.95
C THR A 65 4.46 19.31 2.07
N ASN A 66 3.56 19.70 1.16
CA ASN A 66 2.18 19.22 1.24
C ASN A 66 1.79 18.15 0.21
N ILE A 67 2.76 17.69 -0.58
CA ILE A 67 2.51 16.66 -1.59
C ILE A 67 3.47 15.51 -1.30
N LEU A 68 2.98 14.52 -0.57
CA LEU A 68 3.79 13.37 -0.16
C LEU A 68 3.18 12.05 -0.66
N PRO A 69 3.98 10.99 -0.70
CA PRO A 69 3.48 9.69 -1.16
C PRO A 69 2.95 8.85 -0.01
N TYR A 70 1.93 8.05 -0.28
CA TYR A 70 1.37 7.17 0.75
C TYR A 70 2.37 6.04 0.90
N ASP A 71 2.59 5.55 2.12
CA ASP A 71 3.54 4.45 2.33
C ASP A 71 3.24 3.24 1.47
N PHE A 72 2.01 2.74 1.56
CA PHE A 72 1.64 1.53 0.83
C PHE A 72 2.01 1.48 -0.64
N SER A 73 1.79 2.57 -1.36
CA SER A 73 2.06 2.59 -2.79
C SER A 73 3.34 3.29 -3.23
N ARG A 74 4.13 3.82 -2.30
CA ARG A 74 5.33 4.52 -2.71
C ARG A 74 6.32 3.63 -3.44
N VAL A 75 7.20 4.24 -4.24
CA VAL A 75 8.21 3.49 -4.98
C VAL A 75 9.50 3.52 -4.16
N ARG A 76 10.07 2.34 -3.93
CA ARG A 76 11.28 2.26 -3.13
C ARG A 76 12.55 2.05 -3.94
N LEU A 77 13.59 2.78 -3.56
CA LEU A 77 14.89 2.67 -4.19
C LEU A 77 15.55 1.50 -3.47
N VAL A 78 16.29 0.68 -4.23
CA VAL A 78 16.99 -0.44 -3.64
C VAL A 78 18.45 -0.05 -3.48
N SER A 79 19.06 -0.42 -2.36
CA SER A 79 20.46 -0.11 -2.12
C SER A 79 20.98 -0.69 -0.80
N MET A 80 22.30 -0.73 -0.66
CA MET A 80 22.93 -1.27 0.54
C MET A 80 22.88 -0.28 1.70
N ASN A 81 22.83 1.03 1.40
CA ASN A 81 22.75 2.05 2.44
C ASN A 81 21.75 1.65 3.52
N GLU A 82 22.22 1.62 4.76
CA GLU A 82 21.35 1.26 5.87
C GLU A 82 20.93 2.48 6.66
N GLU A 83 21.00 3.66 6.06
CA GLU A 83 20.62 4.90 6.74
C GLU A 83 19.19 5.37 6.45
N GLU A 84 18.71 6.30 7.27
CA GLU A 84 17.36 6.82 7.18
C GLU A 84 16.89 7.36 5.83
N GLY A 85 15.76 6.83 5.35
CA GLY A 85 15.17 7.26 4.10
C GLY A 85 15.92 6.87 2.84
N SER A 86 16.95 6.04 3.02
CA SER A 86 17.77 5.58 1.90
C SER A 86 17.01 5.02 0.72
N ASP A 87 15.80 4.52 0.94
CA ASP A 87 15.04 3.97 -0.16
C ASP A 87 13.97 4.93 -0.63
N TYR A 88 13.98 6.12 -0.07
CA TYR A 88 12.96 7.11 -0.39
C TYR A 88 13.06 7.94 -1.66
N ILE A 89 11.90 8.18 -2.26
CA ILE A 89 11.73 9.02 -3.43
C ILE A 89 10.24 9.33 -3.51
N ASN A 90 9.91 10.63 -3.62
CA ASN A 90 8.51 11.04 -3.70
C ASN A 90 7.89 10.49 -4.98
N ALA A 91 7.41 9.24 -4.92
CA ALA A 91 6.80 8.57 -6.07
C ALA A 91 5.82 7.47 -5.64
N ASN A 92 4.75 7.29 -6.41
CA ASN A 92 3.74 6.26 -6.13
C ASN A 92 3.37 5.46 -7.37
N TYR A 93 3.13 4.16 -7.20
CA TYR A 93 2.71 3.31 -8.30
C TYR A 93 1.25 3.70 -8.50
N ILE A 94 0.78 3.76 -9.74
CA ILE A 94 -0.63 4.10 -10.00
C ILE A 94 -1.21 2.97 -10.88
N PRO A 95 -2.29 2.32 -10.42
CA PRO A 95 -2.91 1.25 -11.18
C PRO A 95 -3.11 1.60 -12.63
N GLY A 96 -3.32 0.56 -13.43
CA GLY A 96 -3.52 0.73 -14.85
C GLY A 96 -4.76 0.16 -15.50
N TYR A 97 -4.96 0.52 -16.76
CA TYR A 97 -6.08 -0.01 -17.51
C TYR A 97 -5.62 -1.41 -17.88
N ASN A 98 -4.30 -1.58 -17.92
CA ASN A 98 -3.69 -2.86 -18.25
C ASN A 98 -3.22 -3.60 -17.02
N SER A 99 -2.55 -2.90 -16.10
CA SER A 99 -2.05 -3.57 -14.90
C SER A 99 -1.77 -2.63 -13.74
N PRO A 100 -1.82 -3.15 -12.50
CA PRO A 100 -1.54 -2.30 -11.34
C PRO A 100 -0.08 -1.88 -11.45
N GLN A 101 0.25 -0.69 -10.97
CA GLN A 101 1.64 -0.23 -11.05
C GLN A 101 2.07 -0.04 -12.50
N GLU A 102 1.10 0.28 -13.37
CA GLU A 102 1.37 0.51 -14.77
C GLU A 102 2.11 1.84 -14.94
N TYR A 103 1.88 2.76 -14.01
CA TYR A 103 2.59 4.04 -14.05
C TYR A 103 3.26 4.32 -12.73
N ILE A 104 4.13 5.32 -12.77
CA ILE A 104 4.76 5.80 -11.57
C ILE A 104 4.53 7.31 -11.62
N ALA A 105 3.94 7.85 -10.56
CA ALA A 105 3.66 9.27 -10.49
C ALA A 105 4.66 9.89 -9.53
N THR A 106 5.50 10.80 -10.05
CA THR A 106 6.49 11.47 -9.22
C THR A 106 6.42 12.97 -9.41
N GLN A 107 7.11 13.68 -8.53
CA GLN A 107 7.22 15.12 -8.57
C GLN A 107 8.33 15.35 -9.60
N GLY A 108 8.55 16.61 -9.99
CA GLY A 108 9.64 16.87 -10.90
C GLY A 108 10.88 16.70 -10.02
N PRO A 109 11.94 16.03 -10.51
CA PRO A 109 13.16 15.85 -9.71
C PRO A 109 13.75 17.18 -9.25
N LEU A 110 14.26 17.18 -8.01
CA LEU A 110 14.89 18.36 -7.43
C LEU A 110 16.38 18.24 -7.71
N PRO A 111 17.13 19.33 -7.57
CA PRO A 111 18.56 19.20 -7.83
C PRO A 111 19.14 18.10 -6.95
N GLU A 112 18.62 17.98 -5.73
CA GLU A 112 19.13 16.97 -4.78
C GLU A 112 18.48 15.58 -4.76
N THR A 113 17.50 15.31 -5.62
CA THR A 113 16.90 13.96 -5.68
C THR A 113 17.08 13.45 -7.10
N ARG A 114 17.74 14.26 -7.91
CA ARG A 114 18.03 13.97 -9.31
C ARG A 114 18.62 12.59 -9.51
N ASN A 115 19.74 12.31 -8.84
CA ASN A 115 20.38 11.01 -8.95
C ASN A 115 19.42 9.89 -8.55
N ASP A 116 18.54 10.16 -7.59
CA ASP A 116 17.55 9.17 -7.13
C ASP A 116 16.57 8.86 -8.27
N PHE A 117 16.24 9.88 -9.03
CA PHE A 117 15.29 9.70 -10.11
C PHE A 117 15.80 8.72 -11.16
N TRP A 118 17.05 8.88 -11.54
CA TRP A 118 17.62 8.00 -12.55
C TRP A 118 17.79 6.58 -12.05
N LYS A 119 18.08 6.45 -10.76
CA LYS A 119 18.21 5.13 -10.15
C LYS A 119 16.84 4.43 -10.32
N MET A 120 15.78 5.13 -9.94
CA MET A 120 14.43 4.59 -10.04
C MET A 120 14.16 4.18 -11.49
N VAL A 121 14.50 5.08 -12.41
CA VAL A 121 14.31 4.82 -13.83
C VAL A 121 14.95 3.50 -14.27
N LEU A 122 16.15 3.23 -13.80
CA LEU A 122 16.84 2.00 -14.17
C LEU A 122 16.35 0.80 -13.38
N GLN A 123 16.17 0.97 -12.07
CA GLN A 123 15.72 -0.14 -11.24
C GLN A 123 14.31 -0.59 -11.58
N GLN A 124 13.44 0.35 -11.98
CA GLN A 124 12.06 0.00 -12.33
C GLN A 124 11.98 -0.42 -13.80
N LYS A 125 13.08 -0.19 -14.52
CA LYS A 125 13.16 -0.51 -15.94
C LYS A 125 12.20 0.35 -16.75
N SER A 126 11.92 1.53 -16.22
CA SER A 126 11.03 2.47 -16.86
C SER A 126 11.73 3.00 -18.10
N GLN A 127 11.16 2.70 -19.26
CA GLN A 127 11.74 3.14 -20.52
C GLN A 127 10.95 4.28 -21.13
N ILE A 128 10.02 4.84 -20.37
CA ILE A 128 9.23 5.96 -20.84
C ILE A 128 9.00 6.97 -19.71
N ILE A 129 9.15 8.24 -20.04
CA ILE A 129 8.94 9.31 -19.08
C ILE A 129 8.07 10.38 -19.72
N VAL A 130 7.01 10.78 -19.04
CA VAL A 130 6.13 11.83 -19.55
C VAL A 130 6.22 12.98 -18.56
N MET A 131 6.83 14.07 -19.02
CA MET A 131 7.02 15.28 -18.22
C MET A 131 6.05 16.34 -18.72
N LEU A 132 5.06 16.69 -17.90
CA LEU A 132 4.03 17.65 -18.28
C LEU A 132 4.24 19.09 -17.78
N THR A 133 5.48 19.47 -17.56
CA THR A 133 5.77 20.82 -17.09
C THR A 133 7.04 21.30 -17.77
N GLN A 134 7.29 22.60 -17.70
CA GLN A 134 8.51 23.14 -18.26
C GLN A 134 9.35 23.25 -16.99
N CYS A 135 10.67 23.17 -17.11
CA CYS A 135 11.49 23.27 -15.91
C CYS A 135 11.16 24.56 -15.21
N ASN A 136 10.86 25.60 -16.00
CA ASN A 136 10.51 26.90 -15.44
C ASN A 136 9.30 27.49 -16.14
N GLU A 137 8.35 27.97 -15.34
CA GLU A 137 7.14 28.58 -15.86
C GLU A 137 6.96 29.96 -15.23
N LYS A 138 7.04 30.98 -16.08
CA LYS A 138 6.89 32.35 -15.66
C LYS A 138 7.83 32.72 -14.50
N ARG A 139 9.13 32.50 -14.72
CA ARG A 139 10.17 32.82 -13.74
C ARG A 139 10.03 32.02 -12.45
N ARG A 140 9.22 30.98 -12.48
CA ARG A 140 9.01 30.16 -11.30
C ARG A 140 9.56 28.76 -11.54
N VAL A 141 10.33 28.27 -10.57
CA VAL A 141 10.94 26.94 -10.66
C VAL A 141 9.92 25.81 -10.46
N LYS A 142 9.80 24.98 -11.49
CA LYS A 142 8.87 23.86 -11.49
C LYS A 142 9.51 22.47 -11.47
N CYS A 143 10.68 22.34 -12.09
CA CYS A 143 11.36 21.06 -12.17
C CYS A 143 12.78 21.19 -12.65
N ASP A 144 13.69 20.48 -12.00
CA ASP A 144 15.10 20.53 -12.38
C ASP A 144 15.33 19.93 -13.76
N HIS A 145 16.31 20.48 -14.48
CA HIS A 145 16.63 19.97 -15.82
C HIS A 145 17.54 18.78 -15.50
N TYR A 146 16.95 17.78 -14.87
CA TYR A 146 17.67 16.59 -14.42
C TYR A 146 18.36 15.77 -15.50
N TRP A 147 18.19 16.14 -16.77
CA TRP A 147 18.81 15.41 -17.86
C TRP A 147 19.86 16.25 -18.58
N PRO A 148 20.72 15.62 -19.39
CA PRO A 148 21.78 16.30 -20.14
C PRO A 148 21.36 17.50 -21.01
N PHE A 149 22.32 18.37 -21.31
CA PHE A 149 22.08 19.53 -22.15
C PHE A 149 22.65 19.26 -23.54
N THR A 150 23.61 18.35 -23.60
CA THR A 150 24.28 17.99 -24.84
C THR A 150 24.31 16.48 -25.03
N GLU A 151 24.96 16.04 -26.11
CA GLU A 151 25.11 14.63 -26.43
C GLU A 151 26.22 14.05 -25.55
N ASP A 152 26.76 14.90 -24.68
CA ASP A 152 27.83 14.50 -23.78
C ASP A 152 27.28 13.70 -22.60
N PRO A 153 27.79 12.48 -22.39
CA PRO A 153 27.35 11.63 -21.29
C PRO A 153 27.50 12.34 -19.96
N ILE A 154 26.52 12.18 -19.09
CA ILE A 154 26.57 12.84 -17.78
C ILE A 154 26.31 11.85 -16.66
N ALA A 155 27.26 11.75 -15.74
CA ALA A 155 27.10 10.84 -14.61
C ALA A 155 26.23 11.46 -13.51
N TYR A 156 25.09 10.82 -13.24
CA TYR A 156 24.18 11.25 -12.18
C TYR A 156 24.33 10.21 -11.10
N GLY A 157 25.36 10.38 -10.28
CA GLY A 157 25.64 9.41 -9.25
C GLY A 157 26.27 8.21 -9.92
N ASP A 158 25.65 7.04 -9.74
CA ASP A 158 26.16 5.79 -10.32
C ASP A 158 25.56 5.47 -11.71
N ILE A 159 24.80 6.39 -12.28
CA ILE A 159 24.19 6.16 -13.58
C ILE A 159 24.52 7.27 -14.57
N THR A 160 25.19 6.93 -15.66
CA THR A 160 25.53 7.94 -16.65
C THR A 160 24.41 7.93 -17.69
N VAL A 161 24.01 9.12 -18.11
CA VAL A 161 22.94 9.29 -19.07
C VAL A 161 23.50 9.96 -20.30
N GLU A 162 23.21 9.42 -21.48
CA GLU A 162 23.69 10.03 -22.71
C GLU A 162 22.48 10.42 -23.55
N MET A 163 22.33 11.72 -23.84
CA MET A 163 21.19 12.13 -24.65
C MET A 163 21.53 11.82 -26.09
N LEU A 164 20.72 10.97 -26.71
CA LEU A 164 20.96 10.52 -28.06
C LEU A 164 20.36 11.40 -29.14
N SER A 165 19.07 11.71 -29.01
CA SER A 165 18.42 12.59 -29.98
C SER A 165 17.45 13.54 -29.28
N GLU A 166 17.44 14.79 -29.73
CA GLU A 166 16.58 15.82 -29.16
C GLU A 166 15.74 16.43 -30.28
N GLU A 167 14.43 16.48 -30.06
CA GLU A 167 13.49 16.99 -31.07
C GLU A 167 12.50 17.97 -30.45
N GLU A 168 12.72 19.26 -30.70
CA GLU A 168 11.84 20.29 -30.17
C GLU A 168 10.69 20.53 -31.16
N HIS A 169 9.46 20.30 -30.70
CA HIS A 169 8.28 20.47 -31.54
C HIS A 169 7.45 21.64 -31.04
N THR A 170 6.31 21.85 -31.71
CA THR A 170 5.39 22.93 -31.36
C THR A 170 5.08 22.94 -29.86
N ASP A 171 4.16 22.10 -29.43
CA ASP A 171 3.76 22.06 -28.03
C ASP A 171 4.51 21.04 -27.18
N TRP A 172 5.46 20.32 -27.78
CA TRP A 172 6.21 19.33 -27.01
C TRP A 172 7.60 19.03 -27.55
N VAL A 173 8.33 18.19 -26.83
CA VAL A 173 9.69 17.82 -27.21
C VAL A 173 9.90 16.33 -26.96
N TYR A 174 10.76 15.71 -27.75
CA TYR A 174 11.06 14.29 -27.58
C TYR A 174 12.57 14.10 -27.39
N ARG A 175 12.93 13.14 -26.54
CA ARG A 175 14.34 12.86 -26.29
C ARG A 175 14.53 11.37 -26.02
N ASN A 176 15.59 10.81 -26.57
CA ASN A 176 15.92 9.39 -26.39
C ASN A 176 17.22 9.31 -25.63
N PHE A 177 17.21 8.78 -24.42
CA PHE A 177 18.44 8.65 -23.64
C PHE A 177 18.82 7.20 -23.48
N ARG A 178 20.10 6.95 -23.23
CA ARG A 178 20.58 5.61 -22.98
C ARG A 178 21.32 5.79 -21.67
N ILE A 179 20.85 5.14 -20.63
CA ILE A 179 21.48 5.25 -19.33
C ILE A 179 22.16 3.92 -19.05
N SER A 180 23.15 3.93 -18.17
CA SER A 180 23.83 2.70 -17.86
C SER A 180 24.44 2.67 -16.47
N TYR A 181 24.56 1.45 -15.95
CA TYR A 181 25.16 1.20 -14.65
C TYR A 181 25.95 -0.08 -14.83
N ALA A 182 27.26 0.02 -14.70
CA ALA A 182 28.14 -1.14 -14.87
C ALA A 182 28.05 -1.63 -16.31
N ASP A 183 27.29 -2.70 -16.52
CA ASP A 183 27.10 -3.26 -17.85
C ASP A 183 25.64 -3.09 -18.23
N GLU A 184 24.78 -3.00 -17.22
CA GLU A 184 23.35 -2.82 -17.45
C GLU A 184 23.14 -1.58 -18.31
N VAL A 185 22.43 -1.74 -19.42
CA VAL A 185 22.15 -0.65 -20.36
C VAL A 185 20.64 -0.53 -20.57
N GLN A 186 20.15 0.70 -20.76
CA GLN A 186 18.71 0.90 -20.96
C GLN A 186 18.32 2.13 -21.78
N ASP A 187 17.54 1.91 -22.83
CA ASP A 187 17.05 3.00 -23.65
C ASP A 187 15.81 3.53 -22.95
N VAL A 188 15.64 4.85 -22.96
CA VAL A 188 14.48 5.47 -22.34
C VAL A 188 14.00 6.65 -23.16
N MET A 189 12.73 6.64 -23.51
CA MET A 189 12.14 7.72 -24.28
C MET A 189 11.58 8.74 -23.30
N HIS A 190 11.73 10.01 -23.63
CA HIS A 190 11.27 11.10 -22.76
C HIS A 190 10.37 12.04 -23.56
N PHE A 191 9.10 12.11 -23.18
CA PHE A 191 8.15 12.98 -23.87
C PHE A 191 7.78 14.21 -23.02
N ASN A 192 8.26 15.38 -23.43
CA ASN A 192 7.98 16.58 -22.67
C ASN A 192 6.92 17.49 -23.29
N TYR A 193 5.76 17.54 -22.66
CA TYR A 193 4.68 18.40 -23.14
C TYR A 193 4.89 19.74 -22.44
N THR A 194 5.09 20.79 -23.24
CA THR A 194 5.38 22.10 -22.69
C THR A 194 4.26 23.11 -22.77
N ALA A 195 3.08 22.68 -23.22
CA ALA A 195 1.95 23.60 -23.32
C ALA A 195 0.89 23.37 -22.26
N TRP A 196 1.29 22.86 -21.10
CA TRP A 196 0.34 22.62 -20.00
C TRP A 196 0.83 23.39 -18.78
N PRO A 197 0.29 24.59 -18.55
CA PRO A 197 0.63 25.46 -17.41
C PRO A 197 0.26 24.86 -16.06
N ASP A 198 1.13 25.02 -15.08
CA ASP A 198 0.86 24.47 -13.76
C ASP A 198 -0.50 24.91 -13.21
N HIS A 199 -1.18 23.99 -12.52
CA HIS A 199 -2.49 24.29 -11.93
C HIS A 199 -3.52 24.60 -12.99
N GLY A 200 -3.16 24.41 -14.25
CA GLY A 200 -4.09 24.69 -15.31
C GLY A 200 -4.34 23.54 -16.28
N VAL A 201 -4.70 23.91 -17.50
CA VAL A 201 -4.98 22.96 -18.57
C VAL A 201 -4.49 23.52 -19.90
N PRO A 202 -4.37 22.67 -20.92
CA PRO A 202 -3.91 23.19 -22.22
C PRO A 202 -5.01 24.15 -22.68
N THR A 203 -4.72 25.01 -23.65
CA THR A 203 -5.75 25.93 -24.12
C THR A 203 -6.81 25.19 -24.94
N ALA A 204 -7.94 25.85 -25.18
CA ALA A 204 -9.02 25.26 -25.97
C ALA A 204 -8.47 24.95 -27.37
N ASN A 205 -7.41 25.66 -27.72
CA ASN A 205 -6.72 25.51 -29.00
C ASN A 205 -5.75 24.32 -28.94
N ALA A 206 -5.32 23.95 -27.73
CA ALA A 206 -4.41 22.82 -27.57
C ALA A 206 -5.20 21.56 -27.24
N ALA A 207 -6.52 21.65 -27.32
CA ALA A 207 -7.38 20.51 -27.04
C ALA A 207 -6.92 19.31 -27.88
N GLU A 208 -6.81 19.51 -29.19
CA GLU A 208 -6.36 18.45 -30.07
C GLU A 208 -4.89 18.11 -29.78
N SER A 209 -4.10 19.14 -29.50
CA SER A 209 -2.68 18.98 -29.21
C SER A 209 -2.39 17.94 -28.15
N ILE A 210 -2.88 18.18 -26.94
CA ILE A 210 -2.67 17.25 -25.83
C ILE A 210 -3.19 15.84 -26.14
N LEU A 211 -4.38 15.74 -26.71
CA LEU A 211 -4.90 14.42 -27.04
C LEU A 211 -4.02 13.68 -28.05
N GLN A 212 -3.34 14.43 -28.92
CA GLN A 212 -2.47 13.79 -29.90
C GLN A 212 -1.23 13.29 -29.16
N PHE A 213 -0.79 14.07 -28.18
CA PHE A 213 0.37 13.74 -27.37
C PHE A 213 0.12 12.45 -26.62
N VAL A 214 -1.07 12.32 -26.02
CA VAL A 214 -1.42 11.12 -25.29
C VAL A 214 -1.43 9.94 -26.24
N GLN A 215 -1.94 10.18 -27.46
CA GLN A 215 -1.97 9.14 -28.49
C GLN A 215 -0.56 8.66 -28.76
N MET A 216 0.34 9.60 -29.04
CA MET A 216 1.73 9.31 -29.34
C MET A 216 2.40 8.50 -28.21
N VAL A 217 2.11 8.83 -26.96
CA VAL A 217 2.73 8.10 -25.86
C VAL A 217 2.09 6.72 -25.71
N ARG A 218 0.83 6.60 -26.12
CA ARG A 218 0.13 5.32 -26.01
C ARG A 218 0.67 4.30 -26.99
N GLN A 219 1.05 4.76 -28.17
CA GLN A 219 1.60 3.87 -29.20
C GLN A 219 2.94 3.29 -28.77
N LYS A 220 3.66 4.04 -27.95
CA LYS A 220 4.97 3.63 -27.47
C LYS A 220 4.94 2.84 -26.18
N SER A 221 3.83 2.97 -25.44
CA SER A 221 3.66 2.27 -24.17
C SER A 221 4.22 0.86 -24.18
N VAL A 222 3.92 0.12 -25.24
CA VAL A 222 4.37 -1.26 -25.37
C VAL A 222 5.90 -1.48 -25.34
N LYS A 223 6.67 -0.51 -25.84
CA LYS A 223 8.12 -0.64 -25.88
C LYS A 223 8.86 -0.51 -24.53
N SER A 224 8.11 -0.39 -23.43
CA SER A 224 8.74 -0.23 -22.12
C SER A 224 8.52 -1.40 -21.19
N LYS A 225 9.59 -1.86 -20.56
CA LYS A 225 9.49 -2.97 -19.63
C LYS A 225 8.74 -2.51 -18.38
N GLY A 226 9.33 -1.57 -17.65
CA GLY A 226 8.70 -1.09 -16.42
C GLY A 226 7.54 -0.14 -16.61
N PRO A 227 7.05 0.46 -15.51
CA PRO A 227 5.93 1.40 -15.54
C PRO A 227 6.35 2.67 -16.27
N MET A 228 5.40 3.30 -16.95
CA MET A 228 5.70 4.56 -17.61
C MET A 228 5.81 5.58 -16.50
N ILE A 229 6.93 6.25 -16.43
CA ILE A 229 7.09 7.27 -15.41
C ILE A 229 6.55 8.55 -16.01
N ILE A 230 5.53 9.12 -15.38
CA ILE A 230 4.97 10.37 -15.86
C ILE A 230 5.10 11.32 -14.68
N HIS A 231 5.47 12.57 -14.96
CA HIS A 231 5.63 13.57 -13.91
C HIS A 231 5.45 15.00 -14.42
N CYS A 232 5.29 15.93 -13.47
CA CYS A 232 5.13 17.35 -13.79
C CYS A 232 5.91 18.16 -12.75
N SER A 233 5.22 18.90 -11.89
CA SER A 233 5.93 19.67 -10.87
C SER A 233 5.67 18.99 -9.52
N ALA A 234 4.47 19.14 -8.97
CA ALA A 234 4.14 18.47 -7.71
C ALA A 234 3.87 17.01 -8.05
N GLY A 235 3.67 16.74 -9.34
CA GLY A 235 3.40 15.38 -9.80
C GLY A 235 2.03 14.83 -9.42
N VAL A 236 1.01 15.69 -9.42
CA VAL A 236 -0.33 15.23 -9.02
C VAL A 236 -1.47 15.80 -9.88
N GLY A 237 -1.40 17.09 -10.21
CA GLY A 237 -2.44 17.70 -11.02
C GLY A 237 -2.33 17.38 -12.50
N ARG A 238 -1.23 17.79 -13.12
CA ARG A 238 -1.04 17.52 -14.53
C ARG A 238 -0.75 16.04 -14.76
N THR A 239 -0.04 15.44 -13.79
CA THR A 239 0.27 14.01 -13.84
C THR A 239 -1.01 13.18 -13.66
N GLY A 240 -1.93 13.70 -12.87
CA GLY A 240 -3.19 13.00 -12.64
C GLY A 240 -4.16 13.09 -13.81
N THR A 241 -4.21 14.24 -14.48
CA THR A 241 -5.12 14.38 -15.61
C THR A 241 -4.58 13.60 -16.79
N PHE A 242 -3.26 13.43 -16.85
CA PHE A 242 -2.69 12.68 -17.95
C PHE A 242 -3.05 11.21 -17.78
N ILE A 243 -2.62 10.61 -16.68
CA ILE A 243 -2.92 9.20 -16.43
C ILE A 243 -4.40 8.92 -16.73
N ALA A 244 -5.28 9.83 -16.36
CA ALA A 244 -6.72 9.64 -16.63
C ALA A 244 -6.99 9.62 -18.13
N LEU A 245 -6.40 10.57 -18.84
CA LEU A 245 -6.59 10.68 -20.29
C LEU A 245 -6.09 9.47 -21.03
N ASP A 246 -5.06 8.84 -20.48
CA ASP A 246 -4.45 7.67 -21.09
C ASP A 246 -5.39 6.50 -20.92
N TRP A 247 -5.94 6.38 -19.71
CA TRP A 247 -6.90 5.34 -19.39
C TRP A 247 -8.05 5.40 -20.36
N LEU A 248 -8.80 6.49 -20.23
CA LEU A 248 -9.98 6.72 -21.06
C LEU A 248 -9.74 6.49 -22.55
N LEU A 249 -8.55 6.79 -23.04
CA LEU A 249 -8.28 6.60 -24.46
C LEU A 249 -8.48 5.12 -24.74
N GLN A 250 -7.92 4.28 -23.87
CA GLN A 250 -8.04 2.84 -24.04
C GLN A 250 -9.41 2.32 -23.71
N HIS A 251 -9.93 2.72 -22.56
CA HIS A 251 -11.24 2.25 -22.14
C HIS A 251 -12.33 2.64 -23.13
N ILE A 252 -12.36 3.91 -23.51
CA ILE A 252 -13.35 4.40 -24.47
C ILE A 252 -13.32 3.54 -25.73
N ARG A 253 -12.10 3.16 -26.12
CA ARG A 253 -11.92 2.36 -27.32
C ARG A 253 -12.67 1.03 -27.21
N ASP A 254 -12.34 0.25 -26.18
CA ASP A 254 -12.95 -1.07 -25.99
C ASP A 254 -14.30 -1.14 -25.28
N HIS A 255 -14.79 -0.02 -24.73
CA HIS A 255 -16.06 -0.06 -24.00
C HIS A 255 -17.10 0.91 -24.51
N GLU A 256 -18.26 0.89 -23.87
CA GLU A 256 -19.38 1.75 -24.27
C GLU A 256 -19.77 2.68 -23.12
N PHE A 257 -18.89 2.82 -22.15
CA PHE A 257 -19.17 3.65 -21.00
C PHE A 257 -17.88 4.16 -20.36
N VAL A 258 -17.99 5.22 -19.57
CA VAL A 258 -16.83 5.74 -18.85
C VAL A 258 -17.24 5.94 -17.40
N ASP A 259 -16.26 5.97 -16.52
CA ASP A 259 -16.53 6.18 -15.11
C ASP A 259 -15.41 7.05 -14.57
N ILE A 260 -15.34 8.27 -15.10
CA ILE A 260 -14.33 9.26 -14.73
C ILE A 260 -14.25 9.42 -13.21
N LEU A 261 -15.41 9.46 -12.54
CA LEU A 261 -15.44 9.62 -11.10
C LEU A 261 -14.72 8.46 -10.41
N GLY A 262 -14.97 7.25 -10.87
CA GLY A 262 -14.33 6.10 -10.27
C GLY A 262 -12.84 6.08 -10.56
N LEU A 263 -12.49 6.55 -11.76
CA LEU A 263 -11.12 6.61 -12.21
C LEU A 263 -10.29 7.54 -11.34
N VAL A 264 -10.76 8.77 -11.21
CA VAL A 264 -10.08 9.78 -10.41
C VAL A 264 -10.06 9.37 -8.95
N SER A 265 -11.18 8.83 -8.49
CA SER A 265 -11.31 8.40 -7.11
C SER A 265 -10.31 7.27 -6.85
N ASP A 266 -10.09 6.47 -7.89
CA ASP A 266 -9.15 5.37 -7.82
C ASP A 266 -7.73 5.97 -7.67
N MET A 267 -7.27 6.67 -8.69
CA MET A 267 -5.94 7.29 -8.66
C MET A 267 -5.60 7.94 -7.33
N ARG A 268 -6.52 8.79 -6.86
CA ARG A 268 -6.34 9.50 -5.60
C ARG A 268 -6.13 8.66 -4.36
N SER A 269 -6.32 7.34 -4.45
CA SER A 269 -6.11 6.50 -3.28
C SER A 269 -4.70 5.88 -3.33
N TYR A 270 -3.97 6.15 -4.40
CA TYR A 270 -2.61 5.66 -4.61
C TYR A 270 -1.60 6.80 -4.44
N ARG A 271 -2.08 8.02 -4.63
CA ARG A 271 -1.28 9.24 -4.48
C ARG A 271 -2.25 10.41 -4.32
N MET A 272 -1.94 11.31 -3.39
CA MET A 272 -2.79 12.45 -3.12
C MET A 272 -2.85 13.50 -4.22
N SER A 273 -3.96 14.23 -4.27
CA SER A 273 -4.21 15.32 -5.22
C SER A 273 -4.27 14.97 -6.70
N MET A 274 -4.28 13.69 -7.04
CA MET A 274 -4.35 13.27 -8.44
C MET A 274 -5.53 13.98 -9.12
N VAL A 275 -5.19 14.91 -10.02
CA VAL A 275 -6.17 15.75 -10.72
C VAL A 275 -6.52 16.74 -9.63
N GLN A 276 -5.67 17.74 -9.48
CA GLN A 276 -5.86 18.74 -8.42
C GLN A 276 -7.03 19.71 -8.53
N THR A 277 -7.23 20.31 -9.70
CA THR A 277 -8.29 21.31 -9.81
C THR A 277 -9.59 20.85 -10.41
N GLU A 278 -10.68 21.44 -9.93
CA GLU A 278 -12.02 21.14 -10.45
C GLU A 278 -12.01 21.40 -11.96
N GLU A 279 -11.24 22.40 -12.39
CA GLU A 279 -11.14 22.74 -13.80
C GLU A 279 -10.49 21.61 -14.57
N GLN A 280 -9.51 20.94 -13.96
CA GLN A 280 -8.84 19.83 -14.63
C GLN A 280 -9.78 18.62 -14.59
N TYR A 281 -10.57 18.53 -13.53
CA TYR A 281 -11.51 17.42 -13.42
C TYR A 281 -12.56 17.55 -14.53
N ILE A 282 -12.91 18.78 -14.87
CA ILE A 282 -13.90 19.00 -15.93
C ILE A 282 -13.22 18.86 -17.28
N PHE A 283 -11.97 19.31 -17.37
CA PHE A 283 -11.22 19.20 -18.61
C PHE A 283 -11.30 17.75 -19.09
N ILE A 284 -11.13 16.82 -18.15
CA ILE A 284 -11.19 15.39 -18.47
C ILE A 284 -12.48 15.00 -19.17
N HIS A 285 -13.61 15.53 -18.69
CA HIS A 285 -14.92 15.24 -19.28
C HIS A 285 -14.99 15.78 -20.72
N GLN A 286 -14.50 17.00 -20.93
CA GLN A 286 -14.49 17.61 -22.26
C GLN A 286 -13.71 16.68 -23.18
N CYS A 287 -12.57 16.21 -22.68
CA CYS A 287 -11.72 15.30 -23.43
C CYS A 287 -12.44 13.99 -23.72
N VAL A 288 -13.24 13.51 -22.77
CA VAL A 288 -13.97 12.26 -22.97
C VAL A 288 -14.83 12.33 -24.23
N GLN A 289 -15.12 13.53 -24.72
CA GLN A 289 -15.86 13.62 -25.97
C GLN A 289 -14.80 13.25 -27.01
N LEU A 290 -14.17 12.11 -26.71
CA LEU A 290 -13.14 11.43 -27.49
C LEU A 290 -14.01 10.46 -28.28
N MET A 291 -15.28 10.39 -27.88
CA MET A 291 -16.22 9.51 -28.54
C MET A 291 -16.46 10.08 -29.92
N TRP A 292 -16.18 11.37 -30.05
CA TRP A 292 -16.32 12.06 -31.31
C TRP A 292 -15.43 11.30 -32.29
N GLN A 293 -14.18 11.13 -31.89
CA GLN A 293 -13.18 10.41 -32.68
C GLN A 293 -13.69 9.00 -32.97
N LYS A 294 -14.16 8.33 -31.93
CA LYS A 294 -14.68 6.96 -32.03
C LYS A 294 -15.76 6.89 -33.10
N LYS A 295 -16.86 7.61 -32.88
CA LYS A 295 -18.00 7.66 -33.79
C LYS A 295 -17.64 7.99 -35.24
N LYS A 296 -16.44 8.51 -35.46
CA LYS A 296 -16.00 8.87 -36.80
C LYS A 296 -15.15 7.79 -37.47
N GLN A 297 -13.91 7.61 -37.01
CA GLN A 297 -13.01 6.61 -37.57
C GLN A 297 -13.79 5.40 -38.07
N GLN A 298 -14.70 4.91 -37.22
CA GLN A 298 -15.54 3.78 -37.59
C GLN A 298 -16.90 4.34 -37.97
N ARG B 8 -9.96 11.16 17.72
CA ARG B 8 -8.72 11.68 18.36
C ARG B 8 -7.54 10.76 18.08
N LYS B 9 -6.35 11.19 18.48
CA LYS B 9 -5.13 10.41 18.33
C LYS B 9 -4.85 9.80 19.70
N LEU B 10 -4.93 8.48 19.81
CA LEU B 10 -4.72 7.84 21.11
C LEU B 10 -3.25 7.61 21.47
N THR B 11 -2.91 7.96 22.70
CA THR B 11 -1.55 7.78 23.23
C THR B 11 -1.56 8.05 24.73
N ASN B 12 -0.75 7.31 25.47
CA ASN B 12 -0.66 7.50 26.92
C ASN B 12 0.57 6.79 27.42
N PRO B 13 1.74 7.40 27.26
CA PRO B 13 2.96 6.76 27.73
C PRO B 13 2.98 6.65 29.25
N VAL B 14 3.53 5.56 29.77
CA VAL B 14 3.61 5.33 31.20
C VAL B 14 5.02 4.86 31.55
N GLN B 15 5.63 5.46 32.57
CA GLN B 15 6.96 5.04 32.99
C GLN B 15 6.83 3.65 33.60
N LEU B 16 7.71 2.74 33.23
CA LEU B 16 7.65 1.39 33.76
C LEU B 16 7.73 1.39 35.29
N ASP B 17 8.38 2.40 35.86
CA ASP B 17 8.49 2.51 37.31
C ASP B 17 7.14 2.82 37.95
N ASP B 18 6.17 3.21 37.12
CA ASP B 18 4.84 3.54 37.63
C ASP B 18 3.76 2.68 36.97
N PHE B 19 4.17 1.67 36.22
CA PHE B 19 3.21 0.83 35.53
C PHE B 19 2.36 0.02 36.51
N ASP B 20 2.95 -0.36 37.64
CA ASP B 20 2.22 -1.15 38.64
C ASP B 20 1.07 -0.33 39.18
N GLY B 21 1.35 0.92 39.53
CA GLY B 21 0.30 1.78 40.04
C GLY B 21 -0.70 2.09 38.94
N TYR B 22 -0.18 2.31 37.73
CA TYR B 22 -1.01 2.64 36.57
C TYR B 22 -2.16 1.65 36.33
N ILE B 23 -1.83 0.39 36.07
CA ILE B 23 -2.86 -0.63 35.82
C ILE B 23 -3.82 -0.79 36.99
N LYS B 24 -3.33 -0.51 38.19
CA LYS B 24 -4.19 -0.61 39.36
C LYS B 24 -5.19 0.52 39.26
N ASP B 25 -4.72 1.68 38.84
CA ASP B 25 -5.60 2.83 38.70
C ASP B 25 -6.48 2.67 37.47
N MET B 26 -6.09 1.77 36.57
CA MET B 26 -6.90 1.53 35.39
C MET B 26 -8.06 0.60 35.73
N ALA B 27 -7.84 -0.31 36.68
CA ALA B 27 -8.86 -1.27 37.07
C ALA B 27 -9.90 -0.77 38.08
N LYS B 28 -9.57 0.30 38.80
CA LYS B 28 -10.50 0.82 39.80
C LYS B 28 -11.89 1.06 39.20
N ASP B 29 -12.91 1.01 40.05
CA ASP B 29 -14.28 1.24 39.60
C ASP B 29 -14.67 0.29 38.48
N SER B 30 -14.39 -1.00 38.66
CA SER B 30 -14.75 -2.00 37.65
C SER B 30 -14.15 -1.72 36.25
N ASP B 31 -12.82 -1.65 36.18
CA ASP B 31 -12.08 -1.40 34.95
C ASP B 31 -12.52 -0.12 34.24
N TYR B 32 -13.06 0.82 35.01
CA TYR B 32 -13.55 2.09 34.48
C TYR B 32 -12.64 2.74 33.44
N LYS B 33 -11.41 3.13 33.84
CA LYS B 33 -10.49 3.76 32.90
C LYS B 33 -10.25 2.84 31.72
N PHE B 34 -9.98 1.57 32.00
CA PHE B 34 -9.74 0.60 30.94
C PHE B 34 -10.80 0.64 29.85
N SER B 35 -12.06 0.44 30.22
CA SER B 35 -13.15 0.46 29.25
C SER B 35 -13.25 1.83 28.56
N LEU B 36 -12.80 2.87 29.24
CA LEU B 36 -12.82 4.21 28.68
C LEU B 36 -11.86 4.25 27.49
N GLN B 37 -10.63 3.82 27.71
CA GLN B 37 -9.63 3.79 26.64
C GLN B 37 -10.02 2.83 25.51
N PHE B 38 -10.43 1.63 25.88
CA PHE B 38 -10.80 0.64 24.87
C PHE B 38 -11.97 1.11 24.03
N GLU B 39 -12.98 1.66 24.69
CA GLU B 39 -14.15 2.14 23.98
C GLU B 39 -13.72 3.11 22.88
N GLU B 40 -12.67 3.88 23.14
CA GLU B 40 -12.16 4.81 22.13
C GLU B 40 -11.44 4.03 21.05
N LEU B 41 -10.66 3.03 21.44
CA LEU B 41 -9.94 2.21 20.48
C LEU B 41 -10.92 1.64 19.45
N LYS B 42 -12.16 1.41 19.87
CA LYS B 42 -13.17 0.86 18.98
C LYS B 42 -13.54 1.80 17.85
N LEU B 43 -13.33 3.10 18.07
CA LEU B 43 -13.64 4.12 17.07
C LEU B 43 -12.56 4.29 16.00
N ILE B 44 -11.32 4.01 16.37
CA ILE B 44 -10.21 4.16 15.43
C ILE B 44 -10.34 3.38 14.12
N GLY B 45 -10.22 4.09 13.00
CA GLY B 45 -10.30 3.48 11.68
C GLY B 45 -11.64 3.05 11.15
N LEU B 46 -12.72 3.42 11.85
CA LEU B 46 -14.07 3.03 11.42
C LEU B 46 -14.49 3.54 10.05
N ASP B 47 -13.77 4.53 9.53
CA ASP B 47 -14.10 5.09 8.23
C ASP B 47 -12.96 4.99 7.23
N ILE B 48 -12.28 3.85 7.21
CA ILE B 48 -11.17 3.63 6.30
C ILE B 48 -11.65 2.63 5.27
N PRO B 49 -11.63 3.02 3.99
CA PRO B 49 -12.08 2.17 2.89
C PRO B 49 -11.48 0.78 2.85
N HIS B 50 -12.33 -0.17 2.49
CA HIS B 50 -11.99 -1.57 2.33
C HIS B 50 -12.93 -2.02 1.22
N PHE B 51 -12.85 -1.30 0.11
CA PHE B 51 -13.69 -1.55 -1.06
C PHE B 51 -13.40 -2.87 -1.77
N ALA B 52 -12.14 -3.29 -1.79
CA ALA B 52 -11.81 -4.54 -2.46
C ALA B 52 -12.44 -5.68 -1.68
N ALA B 53 -12.60 -5.46 -0.38
CA ALA B 53 -13.19 -6.46 0.50
C ALA B 53 -14.71 -6.60 0.27
N ASP B 54 -15.34 -5.52 -0.18
CA ASP B 54 -16.78 -5.51 -0.45
C ASP B 54 -17.15 -6.15 -1.78
N LEU B 55 -16.16 -6.30 -2.67
CA LEU B 55 -16.41 -6.87 -3.99
C LEU B 55 -17.14 -8.19 -3.93
N PRO B 56 -18.21 -8.33 -4.72
CA PRO B 56 -19.07 -9.52 -4.82
C PRO B 56 -18.36 -10.84 -4.83
N MET B 57 -17.37 -11.01 -5.70
CA MET B 57 -16.69 -12.29 -5.78
C MET B 57 -15.52 -12.48 -4.83
N ASN B 58 -15.36 -11.56 -3.91
CA ASN B 58 -14.31 -11.65 -2.92
C ASN B 58 -14.94 -12.10 -1.61
N ARG B 59 -16.26 -12.02 -1.55
CA ARG B 59 -17.00 -12.40 -0.35
C ARG B 59 -16.74 -13.83 0.11
N CYS B 60 -16.44 -14.72 -0.82
CA CYS B 60 -16.16 -16.11 -0.48
C CYS B 60 -14.72 -16.25 -0.03
N LYS B 61 -14.03 -15.12 0.13
CA LYS B 61 -12.64 -15.12 0.58
C LYS B 61 -12.53 -14.50 1.97
N ASN B 62 -13.61 -13.86 2.42
CA ASN B 62 -13.64 -13.24 3.73
C ASN B 62 -14.31 -14.19 4.71
N ARG B 63 -13.53 -14.73 5.64
CA ARG B 63 -14.06 -15.66 6.62
C ARG B 63 -15.27 -15.08 7.34
N TYR B 64 -15.10 -13.92 7.97
CA TYR B 64 -16.19 -13.27 8.66
C TYR B 64 -16.59 -12.05 7.84
N THR B 65 -17.86 -12.02 7.46
CA THR B 65 -18.41 -10.94 6.66
C THR B 65 -18.05 -9.55 7.19
N ASN B 66 -17.77 -9.45 8.49
CA ASN B 66 -17.47 -8.17 9.14
C ASN B 66 -16.01 -7.90 9.58
N ILE B 67 -15.06 -8.74 9.15
CA ILE B 67 -13.65 -8.49 9.48
C ILE B 67 -12.98 -8.38 8.13
N LEU B 68 -12.91 -7.14 7.63
CA LEU B 68 -12.37 -6.85 6.32
C LEU B 68 -11.08 -6.05 6.35
N PRO B 69 -10.21 -6.25 5.34
CA PRO B 69 -8.92 -5.55 5.22
C PRO B 69 -9.05 -4.20 4.55
N TYR B 70 -8.41 -3.18 5.13
CA TYR B 70 -8.44 -1.84 4.54
C TYR B 70 -7.79 -1.93 3.15
N ASP B 71 -8.14 -1.03 2.24
CA ASP B 71 -7.55 -1.07 0.91
C ASP B 71 -6.06 -0.74 0.87
N PHE B 72 -5.63 0.26 1.62
CA PHE B 72 -4.22 0.65 1.56
C PHE B 72 -3.23 -0.34 2.15
N SER B 73 -3.56 -0.90 3.31
CA SER B 73 -2.66 -1.83 3.97
C SER B 73 -2.85 -3.30 3.59
N ARG B 74 -3.75 -3.57 2.65
CA ARG B 74 -3.99 -4.96 2.27
C ARG B 74 -2.87 -5.62 1.48
N VAL B 75 -2.64 -6.90 1.78
CA VAL B 75 -1.61 -7.66 1.09
C VAL B 75 -2.24 -8.19 -0.20
N ARG B 76 -1.93 -7.54 -1.32
CA ARG B 76 -2.48 -7.97 -2.59
C ARG B 76 -1.59 -9.04 -3.25
N LEU B 77 -2.21 -10.04 -3.86
CA LEU B 77 -1.48 -11.12 -4.51
C LEU B 77 -1.06 -10.71 -5.93
N VAL B 78 0.01 -11.33 -6.44
CA VAL B 78 0.49 -11.02 -7.78
C VAL B 78 0.11 -12.15 -8.76
N SER B 79 -0.85 -11.85 -9.62
CA SER B 79 -1.32 -12.80 -10.63
C SER B 79 -1.17 -12.10 -11.96
N MET B 80 -1.07 -12.88 -13.03
CA MET B 80 -0.90 -12.29 -14.36
C MET B 80 -2.17 -11.61 -14.89
N ASN B 81 -2.77 -10.77 -14.04
CA ASN B 81 -3.98 -10.01 -14.39
C ASN B 81 -5.26 -10.83 -14.51
N GLU B 82 -6.27 -10.23 -15.15
CA GLU B 82 -7.57 -10.84 -15.38
C GLU B 82 -8.46 -10.93 -14.13
N GLU B 83 -9.70 -11.35 -14.37
CA GLU B 83 -10.70 -11.54 -13.33
C GLU B 83 -11.09 -10.32 -12.48
N GLU B 84 -11.37 -10.59 -11.21
CA GLU B 84 -11.76 -9.55 -10.27
C GLU B 84 -11.45 -10.03 -8.85
N GLY B 85 -10.69 -9.24 -8.12
CA GLY B 85 -10.33 -9.63 -6.77
C GLY B 85 -9.33 -10.76 -6.84
N SER B 86 -8.68 -10.89 -8.00
CA SER B 86 -7.69 -11.94 -8.21
C SER B 86 -6.44 -11.69 -7.35
N ASP B 87 -6.34 -10.49 -6.80
CA ASP B 87 -5.21 -10.11 -5.95
C ASP B 87 -5.74 -10.01 -4.52
N TYR B 88 -6.88 -10.63 -4.27
CA TYR B 88 -7.49 -10.53 -2.96
C TYR B 88 -7.25 -11.63 -1.93
N ILE B 89 -6.94 -11.19 -0.73
CA ILE B 89 -6.72 -12.06 0.42
C ILE B 89 -6.91 -11.17 1.64
N ASN B 90 -7.75 -11.63 2.56
CA ASN B 90 -8.06 -10.91 3.80
C ASN B 90 -6.83 -10.84 4.68
N ALA B 91 -5.90 -9.98 4.32
CA ALA B 91 -4.67 -9.81 5.09
C ALA B 91 -4.20 -8.36 5.02
N ASN B 92 -3.52 -7.90 6.08
CA ASN B 92 -3.03 -6.53 6.13
C ASN B 92 -1.63 -6.43 6.73
N TYR B 93 -0.79 -5.58 6.14
CA TYR B 93 0.54 -5.38 6.67
C TYR B 93 0.35 -4.60 7.96
N ILE B 94 1.10 -4.96 8.99
CA ILE B 94 1.01 -4.25 10.25
C ILE B 94 2.41 -3.78 10.59
N PRO B 95 2.56 -2.52 11.00
CA PRO B 95 3.87 -1.98 11.35
C PRO B 95 4.53 -2.83 12.41
N GLY B 96 5.84 -2.80 12.45
CA GLY B 96 6.56 -3.57 13.45
C GLY B 96 7.44 -2.65 14.27
N TYR B 97 8.07 -3.21 15.28
CA TYR B 97 8.94 -2.45 16.15
C TYR B 97 10.22 -2.07 15.39
N ASN B 98 10.56 -2.89 14.40
CA ASN B 98 11.78 -2.65 13.63
C ASN B 98 11.60 -2.04 12.24
N SER B 99 10.42 -2.21 11.64
CA SER B 99 10.21 -1.66 10.31
C SER B 99 8.75 -1.74 9.86
N PRO B 100 8.41 -1.01 8.79
CA PRO B 100 7.03 -1.06 8.30
C PRO B 100 6.75 -2.44 7.71
N GLN B 101 5.48 -2.77 7.56
CA GLN B 101 5.10 -4.06 7.00
C GLN B 101 5.89 -5.20 7.64
N GLU B 102 6.22 -5.07 8.92
CA GLU B 102 6.98 -6.11 9.61
C GLU B 102 6.18 -7.38 9.78
N TYR B 103 4.86 -7.22 9.94
CA TYR B 103 3.95 -8.34 10.11
C TYR B 103 2.88 -8.34 9.06
N ILE B 104 2.08 -9.40 9.09
CA ILE B 104 0.95 -9.57 8.19
C ILE B 104 -0.12 -10.28 9.03
N ALA B 105 -1.22 -9.59 9.28
CA ALA B 105 -2.32 -10.14 10.06
C ALA B 105 -3.37 -10.65 9.10
N THR B 106 -3.59 -11.97 9.08
CA THR B 106 -4.59 -12.57 8.19
C THR B 106 -5.58 -13.36 9.03
N GLN B 107 -6.71 -13.69 8.41
CA GLN B 107 -7.74 -14.49 9.06
C GLN B 107 -7.25 -15.90 8.87
N GLY B 108 -7.91 -16.87 9.49
CA GLY B 108 -7.50 -18.25 9.29
C GLY B 108 -7.92 -18.60 7.86
N PRO B 109 -7.03 -19.21 7.07
CA PRO B 109 -7.37 -19.57 5.69
C PRO B 109 -8.60 -20.45 5.66
N LEU B 110 -9.36 -20.34 4.57
CA LEU B 110 -10.58 -21.11 4.35
C LEU B 110 -10.31 -22.18 3.31
N PRO B 111 -11.13 -23.24 3.28
CA PRO B 111 -10.90 -24.26 2.27
C PRO B 111 -10.81 -23.59 0.90
N GLU B 112 -11.49 -22.46 0.74
CA GLU B 112 -11.52 -21.73 -0.53
C GLU B 112 -10.45 -20.63 -0.76
N THR B 113 -9.66 -20.32 0.26
CA THR B 113 -8.62 -19.30 0.13
C THR B 113 -7.29 -19.89 0.54
N ARG B 114 -7.29 -21.22 0.71
CA ARG B 114 -6.13 -22.00 1.10
C ARG B 114 -4.93 -21.79 0.18
N ASN B 115 -5.15 -21.95 -1.13
CA ASN B 115 -4.07 -21.80 -2.11
C ASN B 115 -3.57 -20.36 -2.19
N ASP B 116 -4.48 -19.42 -1.96
CA ASP B 116 -4.12 -18.01 -2.02
C ASP B 116 -3.17 -17.74 -0.86
N PHE B 117 -3.41 -18.42 0.27
CA PHE B 117 -2.57 -18.23 1.44
C PHE B 117 -1.10 -18.58 1.16
N TRP B 118 -0.87 -19.78 0.61
CA TRP B 118 0.50 -20.20 0.31
C TRP B 118 1.11 -19.33 -0.79
N LYS B 119 0.27 -18.78 -1.66
CA LYS B 119 0.77 -17.90 -2.71
C LYS B 119 1.31 -16.65 -2.06
N MET B 120 0.63 -16.18 -1.01
CA MET B 120 1.04 -14.98 -0.27
C MET B 120 2.31 -15.23 0.55
N VAL B 121 2.46 -16.43 1.08
CA VAL B 121 3.62 -16.78 1.88
C VAL B 121 4.88 -16.69 1.04
N LEU B 122 4.75 -17.13 -0.22
CA LEU B 122 5.87 -17.15 -1.15
C LEU B 122 6.16 -15.79 -1.75
N GLN B 123 5.16 -15.16 -2.35
CA GLN B 123 5.34 -13.85 -2.94
C GLN B 123 5.89 -12.80 -1.97
N GLN B 124 5.66 -13.00 -0.68
CA GLN B 124 6.12 -12.05 0.32
C GLN B 124 7.42 -12.48 0.98
N LYS B 125 7.82 -13.72 0.73
CA LYS B 125 9.04 -14.27 1.31
C LYS B 125 8.93 -14.38 2.82
N SER B 126 7.75 -14.76 3.31
CA SER B 126 7.50 -14.90 4.73
C SER B 126 7.96 -16.28 5.17
N GLN B 127 9.04 -16.31 5.94
CA GLN B 127 9.58 -17.58 6.42
C GLN B 127 9.11 -17.93 7.81
N ILE B 128 8.13 -17.19 8.31
CA ILE B 128 7.59 -17.46 9.63
C ILE B 128 6.07 -17.29 9.68
N ILE B 129 5.38 -18.28 10.23
CA ILE B 129 3.93 -18.20 10.37
C ILE B 129 3.60 -18.53 11.82
N VAL B 130 2.78 -17.68 12.43
CA VAL B 130 2.37 -17.87 13.80
C VAL B 130 0.85 -18.05 13.82
N MET B 131 0.40 -19.23 14.25
CA MET B 131 -1.02 -19.57 14.32
C MET B 131 -1.50 -19.57 15.77
N LEU B 132 -2.34 -18.60 16.13
CA LEU B 132 -2.81 -18.49 17.51
C LEU B 132 -4.18 -19.08 17.82
N THR B 133 -4.56 -20.13 17.10
CA THR B 133 -5.84 -20.81 17.30
C THR B 133 -5.77 -22.22 16.72
N GLN B 134 -6.63 -23.11 17.21
CA GLN B 134 -6.67 -24.46 16.69
C GLN B 134 -7.70 -24.43 15.58
N CYS B 135 -7.65 -25.42 14.69
CA CYS B 135 -8.59 -25.46 13.58
C CYS B 135 -10.02 -25.46 14.08
N ASN B 136 -10.26 -26.22 15.13
CA ASN B 136 -11.59 -26.29 15.73
C ASN B 136 -11.41 -26.10 17.25
N GLU B 137 -12.32 -25.35 17.86
CA GLU B 137 -12.30 -25.12 19.30
C GLU B 137 -13.73 -25.18 19.79
N LYS B 138 -13.97 -26.00 20.80
CA LYS B 138 -15.29 -26.18 21.40
C LYS B 138 -16.34 -26.51 20.33
N ARG B 139 -15.98 -27.41 19.42
CA ARG B 139 -16.89 -27.83 18.36
C ARG B 139 -17.30 -26.68 17.43
N ARG B 140 -16.40 -25.73 17.22
CA ARG B 140 -16.65 -24.61 16.34
C ARG B 140 -15.51 -24.48 15.33
N VAL B 141 -15.80 -24.43 14.04
CA VAL B 141 -14.73 -24.31 13.06
C VAL B 141 -14.13 -22.92 13.16
N LYS B 142 -12.81 -22.86 13.30
CA LYS B 142 -12.10 -21.60 13.44
C LYS B 142 -11.08 -21.33 12.33
N CYS B 143 -10.63 -22.41 11.68
CA CYS B 143 -9.61 -22.27 10.64
C CYS B 143 -9.35 -23.57 9.92
N ASP B 144 -9.25 -23.50 8.60
CA ASP B 144 -8.98 -24.69 7.80
C ASP B 144 -7.61 -25.20 8.21
N HIS B 145 -7.36 -26.47 7.93
CA HIS B 145 -6.08 -27.08 8.25
C HIS B 145 -5.32 -26.97 6.92
N TYR B 146 -5.02 -25.74 6.53
CA TYR B 146 -4.35 -25.43 5.27
C TYR B 146 -2.99 -26.07 4.97
N TRP B 147 -2.44 -26.81 5.92
CA TRP B 147 -1.13 -27.45 5.71
C TRP B 147 -1.27 -28.98 5.68
N PRO B 148 -0.24 -29.67 5.16
CA PRO B 148 -0.22 -31.13 5.07
C PRO B 148 -0.44 -31.86 6.38
N PHE B 149 -1.13 -33.00 6.30
CA PHE B 149 -1.42 -33.84 7.47
C PHE B 149 -0.26 -34.82 7.68
N THR B 150 0.56 -34.98 6.65
CA THR B 150 1.71 -35.88 6.73
C THR B 150 2.96 -35.21 6.15
N GLU B 151 4.01 -36.01 6.00
CA GLU B 151 5.29 -35.55 5.48
C GLU B 151 5.37 -35.55 3.95
N ASP B 152 4.55 -36.34 3.28
CA ASP B 152 4.58 -36.32 1.82
C ASP B 152 3.96 -35.01 1.35
N PRO B 153 4.64 -34.32 0.42
CA PRO B 153 4.23 -33.02 -0.16
C PRO B 153 2.85 -32.98 -0.78
N ILE B 154 2.15 -31.89 -0.53
CA ILE B 154 0.80 -31.67 -1.06
C ILE B 154 0.88 -30.44 -1.95
N ALA B 155 0.24 -30.51 -3.11
CA ALA B 155 0.24 -29.37 -4.02
C ALA B 155 -0.99 -28.51 -3.81
N TYR B 156 -0.76 -27.29 -3.35
CA TYR B 156 -1.81 -26.30 -3.09
C TYR B 156 -1.71 -25.31 -4.24
N GLY B 157 -2.45 -25.56 -5.31
CA GLY B 157 -2.35 -24.68 -6.45
C GLY B 157 -1.02 -24.98 -7.11
N ASP B 158 -0.28 -23.94 -7.49
CA ASP B 158 0.99 -24.16 -8.14
C ASP B 158 2.13 -24.36 -7.14
N ILE B 159 1.84 -24.11 -5.88
CA ILE B 159 2.84 -24.25 -4.82
C ILE B 159 2.74 -25.56 -4.05
N THR B 160 3.81 -26.35 -4.01
CA THR B 160 3.74 -27.59 -3.25
C THR B 160 4.23 -27.32 -1.84
N VAL B 161 3.80 -28.15 -0.90
CA VAL B 161 4.17 -27.96 0.49
C VAL B 161 4.59 -29.29 1.10
N GLU B 162 5.79 -29.32 1.67
CA GLU B 162 6.33 -30.53 2.29
C GLU B 162 6.67 -30.25 3.75
N MET B 163 5.97 -30.92 4.66
CA MET B 163 6.23 -30.72 6.08
C MET B 163 7.43 -31.58 6.51
N LEU B 164 8.61 -30.98 6.56
CA LEU B 164 9.81 -31.71 6.93
C LEU B 164 9.73 -32.32 8.32
N SER B 165 9.08 -31.60 9.23
CA SER B 165 8.95 -32.11 10.59
C SER B 165 7.80 -31.45 11.33
N GLU B 166 7.24 -32.20 12.28
CA GLU B 166 6.11 -31.75 13.08
C GLU B 166 6.43 -31.97 14.55
N GLU B 167 6.75 -30.91 15.27
CA GLU B 167 7.08 -31.03 16.68
C GLU B 167 5.95 -30.50 17.56
N GLU B 168 5.37 -31.37 18.38
CA GLU B 168 4.27 -31.01 19.24
C GLU B 168 4.65 -30.92 20.70
N HIS B 169 4.30 -29.83 21.36
CA HIS B 169 4.60 -29.69 22.77
C HIS B 169 3.33 -29.61 23.59
N THR B 170 3.47 -29.14 24.82
CA THR B 170 2.34 -29.06 25.72
C THR B 170 1.36 -27.90 25.41
N ASP B 171 1.88 -26.70 25.15
CA ASP B 171 1.02 -25.55 24.83
C ASP B 171 1.04 -25.12 23.38
N TRP B 172 2.17 -25.33 22.71
CA TRP B 172 2.30 -24.95 21.30
C TRP B 172 2.89 -26.07 20.46
N VAL B 173 2.93 -25.85 19.15
CA VAL B 173 3.47 -26.83 18.22
C VAL B 173 4.29 -26.18 17.14
N TYR B 174 5.39 -26.83 16.75
CA TYR B 174 6.25 -26.28 15.71
C TYR B 174 6.28 -27.17 14.46
N ARG B 175 6.34 -26.54 13.29
CA ARG B 175 6.41 -27.28 12.04
C ARG B 175 7.38 -26.62 11.07
N ASN B 176 8.18 -27.45 10.40
CA ASN B 176 9.12 -26.95 9.42
C ASN B 176 8.57 -27.38 8.07
N PHE B 177 8.11 -26.41 7.28
CA PHE B 177 7.56 -26.68 5.95
C PHE B 177 8.62 -26.29 4.93
N ARG B 178 8.46 -26.77 3.71
CA ARG B 178 9.36 -26.41 2.64
C ARG B 178 8.55 -26.30 1.38
N ILE B 179 8.10 -25.08 1.10
CA ILE B 179 7.28 -24.81 -0.05
C ILE B 179 8.17 -24.39 -1.21
N SER B 180 7.68 -24.60 -2.42
CA SER B 180 8.43 -24.26 -3.61
C SER B 180 7.49 -23.98 -4.76
N TYR B 181 7.98 -23.21 -5.71
CA TYR B 181 7.23 -22.87 -6.92
C TYR B 181 8.24 -22.91 -8.04
N ALA B 182 7.90 -23.57 -9.15
CA ALA B 182 8.86 -23.66 -10.24
C ALA B 182 10.16 -24.11 -9.59
N ASP B 183 11.21 -23.33 -9.79
CA ASP B 183 12.51 -23.67 -9.21
C ASP B 183 12.86 -22.69 -8.09
N GLU B 184 11.95 -22.58 -7.12
CA GLU B 184 12.13 -21.68 -5.99
C GLU B 184 11.75 -22.33 -4.66
N VAL B 185 12.72 -23.00 -4.04
CA VAL B 185 12.49 -23.65 -2.74
C VAL B 185 12.62 -22.59 -1.64
N GLN B 186 11.65 -22.57 -0.72
CA GLN B 186 11.68 -21.61 0.39
C GLN B 186 11.22 -22.30 1.66
N ASP B 187 11.95 -22.07 2.75
CA ASP B 187 11.59 -22.66 4.03
C ASP B 187 10.63 -21.74 4.78
N VAL B 188 9.76 -22.36 5.58
CA VAL B 188 8.79 -21.64 6.38
C VAL B 188 8.64 -22.34 7.72
N MET B 189 8.84 -21.60 8.80
CA MET B 189 8.70 -22.16 10.13
C MET B 189 7.25 -21.90 10.54
N HIS B 190 6.68 -22.79 11.32
CA HIS B 190 5.28 -22.63 11.72
C HIS B 190 5.10 -22.92 13.22
N PHE B 191 4.64 -21.91 13.96
CA PHE B 191 4.43 -22.07 15.39
C PHE B 191 2.95 -21.97 15.70
N ASN B 192 2.38 -23.04 16.24
CA ASN B 192 0.97 -23.04 16.55
C ASN B 192 0.66 -23.07 18.03
N TYR B 193 0.26 -21.93 18.57
CA TYR B 193 -0.10 -21.84 19.96
C TYR B 193 -1.47 -22.47 20.07
N THR B 194 -1.58 -23.54 20.86
CA THR B 194 -2.84 -24.26 21.02
C THR B 194 -3.46 -24.10 22.39
N ALA B 195 -2.66 -23.63 23.34
CA ALA B 195 -3.13 -23.45 24.70
C ALA B 195 -3.60 -22.04 25.03
N TRP B 196 -3.91 -21.25 23.99
CA TRP B 196 -4.34 -19.88 24.21
C TRP B 196 -5.27 -19.87 25.42
N PRO B 197 -5.11 -18.89 26.33
CA PRO B 197 -5.96 -18.83 27.51
C PRO B 197 -7.43 -18.60 27.16
N ASP B 198 -8.00 -19.55 26.42
CA ASP B 198 -9.40 -19.48 26.01
C ASP B 198 -9.58 -18.30 25.06
N HIS B 199 -9.05 -17.16 25.48
CA HIS B 199 -9.13 -15.91 24.74
C HIS B 199 -9.58 -14.90 25.77
N GLY B 200 -10.63 -15.27 26.49
CA GLY B 200 -11.18 -14.43 27.53
C GLY B 200 -10.50 -14.63 28.88
N VAL B 201 -11.13 -14.07 29.92
CA VAL B 201 -10.58 -14.13 31.25
C VAL B 201 -9.78 -12.85 31.44
N PRO B 202 -8.45 -12.95 31.60
CA PRO B 202 -7.77 -14.25 31.59
C PRO B 202 -7.59 -14.71 33.02
N THR B 203 -6.33 -14.97 33.35
CA THR B 203 -5.89 -15.41 34.67
C THR B 203 -4.58 -16.10 34.42
N ALA B 204 -4.53 -17.41 34.74
CA ALA B 204 -3.31 -18.16 34.57
C ALA B 204 -2.06 -17.31 34.77
N ASN B 205 -1.60 -17.22 36.02
CA ASN B 205 -0.40 -16.45 36.36
C ASN B 205 0.56 -16.83 35.23
N ALA B 206 0.40 -18.05 34.75
CA ALA B 206 1.19 -18.60 33.67
C ALA B 206 0.85 -17.91 32.35
N ALA B 207 0.96 -16.57 32.36
CA ALA B 207 0.74 -15.76 31.18
C ALA B 207 2.14 -15.75 30.60
N GLU B 208 3.03 -16.44 31.31
CA GLU B 208 4.41 -16.61 30.91
C GLU B 208 4.43 -17.55 29.72
N SER B 209 3.45 -18.45 29.69
CA SER B 209 3.33 -19.43 28.62
C SER B 209 3.19 -18.75 27.27
N ILE B 210 2.49 -17.62 27.26
CA ILE B 210 2.31 -16.87 26.03
C ILE B 210 3.61 -16.13 25.77
N LEU B 211 4.27 -15.69 26.84
CA LEU B 211 5.51 -14.96 26.73
C LEU B 211 6.66 -15.85 26.26
N GLN B 212 6.70 -17.09 26.71
CA GLN B 212 7.75 -18.01 26.26
C GLN B 212 7.56 -18.16 24.76
N PHE B 213 6.31 -18.38 24.36
CA PHE B 213 5.99 -18.55 22.96
C PHE B 213 6.44 -17.35 22.13
N VAL B 214 6.14 -16.14 22.61
CA VAL B 214 6.54 -14.92 21.91
C VAL B 214 8.06 -14.85 21.82
N GLN B 215 8.74 -14.95 22.95
CA GLN B 215 10.20 -14.90 22.99
C GLN B 215 10.74 -15.90 21.98
N MET B 216 10.18 -17.12 22.00
CA MET B 216 10.58 -18.18 21.09
C MET B 216 10.49 -17.79 19.62
N VAL B 217 9.33 -17.28 19.21
CA VAL B 217 9.13 -16.85 17.83
C VAL B 217 10.09 -15.72 17.52
N ARG B 218 10.16 -14.76 18.43
CA ARG B 218 11.00 -13.59 18.31
C ARG B 218 12.47 -13.94 18.09
N GLN B 219 13.00 -14.87 18.87
CA GLN B 219 14.40 -15.24 18.72
C GLN B 219 14.67 -16.05 17.45
N LYS B 220 13.68 -16.12 16.57
CA LYS B 220 13.83 -16.84 15.30
C LYS B 220 13.43 -15.93 14.15
N SER B 221 13.05 -14.70 14.47
CA SER B 221 12.64 -13.73 13.46
C SER B 221 13.78 -13.31 12.54
N VAL B 222 15.00 -13.38 13.09
CA VAL B 222 16.20 -13.01 12.34
C VAL B 222 16.47 -14.03 11.25
N LYS B 223 15.44 -14.39 10.51
CA LYS B 223 15.59 -15.37 9.45
C LYS B 223 14.56 -15.15 8.36
N SER B 224 13.46 -14.49 8.70
CA SER B 224 12.41 -14.24 7.72
C SER B 224 12.52 -12.86 7.08
N LYS B 225 13.26 -12.78 5.98
CA LYS B 225 13.44 -11.52 5.26
C LYS B 225 12.09 -10.85 5.09
N GLY B 226 11.08 -11.66 4.74
CA GLY B 226 9.75 -11.14 4.54
C GLY B 226 8.99 -10.98 5.83
N PRO B 227 7.77 -10.44 5.76
CA PRO B 227 6.95 -10.25 6.97
C PRO B 227 6.65 -11.54 7.72
N MET B 228 6.44 -11.39 9.01
CA MET B 228 6.09 -12.50 9.87
C MET B 228 4.57 -12.61 9.76
N ILE B 229 4.09 -13.70 9.17
CA ILE B 229 2.65 -13.88 9.00
C ILE B 229 2.04 -14.44 10.27
N ILE B 230 1.11 -13.68 10.84
CA ILE B 230 0.43 -14.07 12.05
C ILE B 230 -1.07 -14.13 11.78
N HIS B 231 -1.71 -15.14 12.36
CA HIS B 231 -3.14 -15.28 12.17
C HIS B 231 -3.80 -16.11 13.25
N CYS B 232 -5.12 -16.03 13.32
CA CYS B 232 -5.87 -16.82 14.28
C CYS B 232 -7.15 -17.26 13.57
N SER B 233 -8.28 -16.68 13.95
CA SER B 233 -9.51 -17.06 13.27
C SER B 233 -9.89 -15.90 12.35
N ALA B 234 -10.30 -14.79 12.94
CA ALA B 234 -10.67 -13.60 12.18
C ALA B 234 -9.39 -12.85 11.84
N GLY B 235 -8.34 -13.12 12.60
CA GLY B 235 -7.06 -12.47 12.38
C GLY B 235 -6.97 -11.07 12.96
N VAL B 236 -7.71 -10.81 14.05
CA VAL B 236 -7.68 -9.49 14.67
C VAL B 236 -7.59 -9.50 16.19
N GLY B 237 -8.29 -10.45 16.81
CA GLY B 237 -8.31 -10.54 18.26
C GLY B 237 -7.05 -11.08 18.90
N ARG B 238 -6.73 -12.34 18.63
CA ARG B 238 -5.53 -12.93 19.20
C ARG B 238 -4.33 -12.49 18.41
N THR B 239 -4.52 -12.38 17.09
CA THR B 239 -3.44 -11.95 16.20
C THR B 239 -2.92 -10.60 16.72
N GLY B 240 -3.85 -9.67 16.95
CA GLY B 240 -3.49 -8.36 17.44
C GLY B 240 -2.77 -8.40 18.78
N THR B 241 -3.26 -9.18 19.73
CA THR B 241 -2.61 -9.25 21.05
C THR B 241 -1.18 -9.75 20.89
N PHE B 242 -0.99 -10.77 20.06
CA PHE B 242 0.34 -11.31 19.84
C PHE B 242 1.27 -10.23 19.35
N ILE B 243 0.93 -9.61 18.22
CA ILE B 243 1.77 -8.58 17.67
C ILE B 243 2.12 -7.54 18.72
N ALA B 244 1.14 -7.09 19.49
CA ALA B 244 1.42 -6.09 20.53
C ALA B 244 2.48 -6.59 21.52
N LEU B 245 2.41 -7.85 21.88
CA LEU B 245 3.35 -8.43 22.83
C LEU B 245 4.73 -8.58 22.25
N ASP B 246 4.81 -8.89 20.96
CA ASP B 246 6.09 -9.07 20.31
C ASP B 246 6.74 -7.69 20.16
N TRP B 247 5.91 -6.65 20.11
CA TRP B 247 6.42 -5.28 20.00
C TRP B 247 6.97 -4.90 21.37
N LEU B 248 6.05 -4.85 22.33
CA LEU B 248 6.35 -4.50 23.71
C LEU B 248 7.59 -5.18 24.25
N LEU B 249 7.66 -6.49 24.07
CA LEU B 249 8.80 -7.28 24.53
C LEU B 249 10.11 -6.55 24.19
N GLN B 250 10.20 -6.09 22.95
CA GLN B 250 11.37 -5.36 22.48
C GLN B 250 11.39 -3.92 23.00
N HIS B 251 10.26 -3.25 22.90
CA HIS B 251 10.21 -1.85 23.32
C HIS B 251 10.51 -1.64 24.81
N ILE B 252 10.16 -2.62 25.63
CA ILE B 252 10.42 -2.53 27.06
C ILE B 252 11.92 -2.73 27.29
N ARG B 253 12.51 -3.62 26.49
CA ARG B 253 13.92 -3.94 26.56
C ARG B 253 14.79 -2.72 26.34
N ASP B 254 14.36 -1.86 25.41
CA ASP B 254 15.12 -0.67 25.06
C ASP B 254 14.62 0.67 25.61
N HIS B 255 13.52 0.66 26.36
CA HIS B 255 12.98 1.89 26.91
C HIS B 255 12.55 1.72 28.36
N GLU B 256 12.24 2.83 29.01
CA GLU B 256 11.80 2.81 30.41
C GLU B 256 10.37 3.38 30.52
N PHE B 257 9.62 3.20 29.44
CA PHE B 257 8.24 3.65 29.34
C PHE B 257 7.54 2.81 28.29
N VAL B 258 6.22 2.67 28.43
CA VAL B 258 5.43 1.93 27.45
C VAL B 258 4.12 2.66 27.19
N ASP B 259 3.70 2.66 25.94
CA ASP B 259 2.47 3.32 25.53
C ASP B 259 1.56 2.30 24.83
N ILE B 260 0.94 1.44 25.64
CA ILE B 260 0.04 0.41 25.14
C ILE B 260 -1.11 1.00 24.32
N LEU B 261 -1.70 2.10 24.79
CA LEU B 261 -2.81 2.76 24.09
C LEU B 261 -2.38 3.12 22.67
N GLY B 262 -1.26 3.84 22.58
CA GLY B 262 -0.74 4.23 21.27
C GLY B 262 -0.52 3.01 20.40
N LEU B 263 0.07 1.97 20.99
CA LEU B 263 0.33 0.75 20.27
C LEU B 263 -0.94 0.23 19.61
N VAL B 264 -1.93 -0.10 20.42
CA VAL B 264 -3.18 -0.62 19.88
C VAL B 264 -3.81 0.38 18.91
N SER B 265 -3.69 1.66 19.20
CA SER B 265 -4.26 2.66 18.30
C SER B 265 -3.56 2.54 16.94
N ASP B 266 -2.23 2.43 16.97
CA ASP B 266 -1.39 2.29 15.76
C ASP B 266 -1.92 1.11 14.96
N MET B 267 -1.97 -0.07 15.60
CA MET B 267 -2.44 -1.28 14.92
C MET B 267 -3.81 -1.23 14.28
N ARG B 268 -4.79 -0.62 14.95
CA ARG B 268 -6.12 -0.55 14.37
C ARG B 268 -6.22 0.34 13.13
N SER B 269 -5.25 1.21 12.92
CA SER B 269 -5.27 2.08 11.75
C SER B 269 -4.86 1.26 10.53
N TYR B 270 -4.31 0.07 10.79
CA TYR B 270 -3.85 -0.78 9.70
C TYR B 270 -4.76 -1.98 9.44
N ARG B 271 -5.49 -2.40 10.47
CA ARG B 271 -6.43 -3.50 10.35
C ARG B 271 -7.45 -3.31 11.46
N MET B 272 -8.71 -3.57 11.14
CA MET B 272 -9.78 -3.40 12.11
C MET B 272 -9.79 -4.42 13.25
N SER B 273 -10.33 -4.00 14.38
CA SER B 273 -10.47 -4.83 15.55
C SER B 273 -9.21 -5.39 16.18
N MET B 274 -8.04 -4.98 15.70
CA MET B 274 -6.79 -5.47 16.28
C MET B 274 -6.88 -5.36 17.79
N VAL B 275 -6.85 -6.52 18.45
CA VAL B 275 -7.01 -6.63 19.90
C VAL B 275 -8.50 -6.37 20.06
N GLN B 276 -9.30 -7.40 19.81
CA GLN B 276 -10.76 -7.29 19.84
C GLN B 276 -11.54 -7.03 21.13
N THR B 277 -11.12 -7.61 22.25
CA THR B 277 -11.87 -7.42 23.48
C THR B 277 -11.12 -6.66 24.58
N GLU B 278 -11.89 -6.00 25.44
CA GLU B 278 -11.29 -5.27 26.55
C GLU B 278 -10.50 -6.27 27.40
N GLU B 279 -10.82 -7.55 27.29
CA GLU B 279 -10.09 -8.55 28.06
C GLU B 279 -8.68 -8.72 27.52
N GLN B 280 -8.54 -8.76 26.20
CA GLN B 280 -7.21 -8.91 25.61
C GLN B 280 -6.41 -7.64 25.90
N TYR B 281 -7.07 -6.50 25.77
CA TYR B 281 -6.45 -5.21 26.02
C TYR B 281 -5.97 -5.13 27.47
N ILE B 282 -6.74 -5.64 28.42
CA ILE B 282 -6.29 -5.60 29.80
C ILE B 282 -5.21 -6.66 29.98
N PHE B 283 -5.36 -7.75 29.23
CA PHE B 283 -4.42 -8.85 29.28
C PHE B 283 -3.04 -8.40 28.86
N ILE B 284 -2.99 -7.45 27.93
CA ILE B 284 -1.70 -6.96 27.45
C ILE B 284 -1.02 -6.26 28.61
N HIS B 285 -1.77 -5.51 29.39
CA HIS B 285 -1.19 -4.80 30.52
C HIS B 285 -0.76 -5.81 31.57
N GLN B 286 -1.54 -6.87 31.73
CA GLN B 286 -1.21 -7.91 32.69
C GLN B 286 0.14 -8.49 32.26
N CYS B 287 0.30 -8.73 30.98
CA CYS B 287 1.57 -9.26 30.49
C CYS B 287 2.71 -8.25 30.60
N VAL B 288 2.41 -6.96 30.45
CA VAL B 288 3.46 -5.95 30.53
C VAL B 288 4.23 -5.97 31.86
N GLN B 289 3.90 -6.92 32.73
CA GLN B 289 4.63 -7.07 33.98
C GLN B 289 5.97 -7.70 33.56
N LEU B 290 6.34 -7.47 32.30
CA LEU B 290 7.61 -7.94 31.74
C LEU B 290 8.66 -7.06 32.40
N MET B 291 8.17 -6.11 33.20
CA MET B 291 9.02 -5.17 33.92
C MET B 291 9.61 -5.92 35.11
N TRP B 292 8.76 -6.68 35.81
CA TRP B 292 9.23 -7.44 36.96
C TRP B 292 10.50 -8.14 36.51
N GLN B 293 10.45 -8.77 35.35
CA GLN B 293 11.62 -9.46 34.81
C GLN B 293 12.75 -8.53 34.39
N LYS B 294 12.42 -7.36 33.86
CA LYS B 294 13.47 -6.43 33.48
C LYS B 294 14.11 -5.85 34.75
N LYS B 295 13.72 -6.39 35.91
CA LYS B 295 14.29 -5.93 37.17
C LYS B 295 14.97 -7.11 37.85
N LYS B 296 15.66 -7.90 37.05
CA LYS B 296 16.38 -9.07 37.53
C LYS B 296 17.03 -9.77 36.34
N NO3 C . 1.54 19.61 -11.02
O1 NO3 C . 1.32 18.63 -10.29
O2 NO3 C . 2.44 20.38 -10.73
O3 NO3 C . 0.84 19.79 -12.01
N NO3 D . -9.65 -13.76 16.41
O1 NO3 D . -10.02 -14.82 15.92
O2 NO3 D . -9.34 -12.83 15.68
O3 NO3 D . -9.60 -13.64 17.61
#